data_7SN1
#
_entry.id   7SN1
#
_cell.length_a   62.736
_cell.length_b   52.369
_cell.length_c   71.394
_cell.angle_alpha   90.00
_cell.angle_beta   113.69
_cell.angle_gamma   90.00
#
_symmetry.space_group_name_H-M   'P 1 21 1'
#
loop_
_entity.id
_entity.type
_entity.pdbx_description
1 polymer 'neutralizing antibody C1C-A3 Fab heavy chain'
2 polymer 'neutralizing antibody C1C-A3 Fab light chain'
3 water water
#
loop_
_entity_poly.entity_id
_entity_poly.type
_entity_poly.pdbx_seq_one_letter_code
_entity_poly.pdbx_strand_id
1 'polypeptide(L)'
;MKRGLCCVLLLCGAVFVSPSASQVQLVESGGGVVQPGRSLRLSCAASGFTFSSYGMHWVRQAPGKGLEWVAVIWYDGTNT
YYADSVKGRFTISRDNSKNTLYLQMNSLRAEDTAVYYCARDLAYRDYVWRYFDLWGRGTLVTVSGASTKGPSVFPLAPSS
KSTSGGTAALGCLVKDYFPEPVTVSWNSGALTSGVHTFPAVLQSSGLYSLSSVVTVPSSSLGTQTYICNVNHKPSNTKVD
KRVEPKSCDR
;
H
2 'polypeptide(L)'
;MKRGLCCVLLLCGAVFVSPSASEIVLTQSPATLSLSPGERATLSCRASQSVSTYLAWYQQKFGQAPRLLIYDASNRATGI
PARFSGSGSGTDFTLTISSLEPEDFAVYYCQCRSNWPPGITFGQGTRLEIKRTVAAPSVFIFPPSDEQLKSGTASVVCLL
NNFYPREAKVQWKVDNALQSGNSQESVTEQDSKDSTYSLSSTLTLSKADYEKHKVYACEVTHQGLSSPVTKSFNRGEC
;
L
#
# COMPACT_ATOMS: atom_id res chain seq x y z
N GLN A 23 14.01 -20.33 -16.14
CA GLN A 23 13.57 -18.94 -15.99
C GLN A 23 14.16 -18.32 -14.74
N VAL A 24 14.61 -17.08 -14.86
CA VAL A 24 15.24 -16.38 -13.74
C VAL A 24 14.17 -15.90 -12.79
N GLN A 25 14.26 -16.30 -11.51
CA GLN A 25 13.28 -15.87 -10.53
C GLN A 25 13.73 -16.11 -9.10
N LEU A 26 13.06 -15.42 -8.17
CA LEU A 26 13.25 -15.57 -6.73
C LEU A 26 11.86 -15.76 -6.13
N VAL A 27 11.68 -16.76 -5.27
CA VAL A 27 10.36 -17.01 -4.67
C VAL A 27 10.49 -17.11 -3.17
N GLU A 28 9.88 -16.20 -2.44
CA GLU A 28 9.92 -16.19 -0.98
C GLU A 28 8.89 -17.12 -0.40
N SER A 29 9.16 -17.60 0.79
CA SER A 29 8.22 -18.40 1.55
C SER A 29 8.50 -18.18 3.05
N GLY A 30 7.52 -18.53 3.87
CA GLY A 30 7.65 -18.46 5.32
C GLY A 30 6.99 -17.28 6.01
N GLY A 31 6.34 -16.43 5.24
CA GLY A 31 5.64 -15.29 5.83
C GLY A 31 4.44 -15.73 6.64
N GLY A 32 3.94 -14.82 7.44
CA GLY A 32 2.78 -15.11 8.27
C GLY A 32 2.65 -14.14 9.41
N VAL A 33 1.98 -14.56 10.48
CA VAL A 33 1.78 -13.70 11.64
C VAL A 33 2.67 -14.17 12.78
N VAL A 34 3.10 -13.24 13.62
N VAL A 34 3.13 -13.22 13.60
CA VAL A 34 3.98 -13.57 14.73
CA VAL A 34 4.01 -13.53 14.72
C VAL A 34 3.74 -12.62 15.90
C VAL A 34 3.61 -12.66 15.91
N GLN A 35 3.83 -13.17 17.12
CA GLN A 35 3.59 -12.38 18.32
C GLN A 35 4.85 -11.55 18.60
N PRO A 36 4.73 -10.34 19.20
CA PRO A 36 5.95 -9.57 19.50
C PRO A 36 6.89 -10.34 20.43
N GLY A 37 8.18 -10.24 20.12
CA GLY A 37 9.23 -10.93 20.86
C GLY A 37 9.56 -12.29 20.28
N ARG A 38 8.73 -12.82 19.37
CA ARG A 38 8.95 -14.15 18.81
C ARG A 38 9.70 -14.11 17.49
N SER A 39 9.87 -15.27 16.84
N SER A 39 9.94 -15.30 16.89
CA SER A 39 10.71 -15.34 15.66
CA SER A 39 10.79 -15.48 15.72
C SER A 39 9.98 -15.90 14.47
C SER A 39 10.09 -16.06 14.50
N LEU A 40 10.61 -15.71 13.31
CA LEU A 40 10.10 -16.25 12.04
C LEU A 40 11.30 -16.37 11.11
N ARG A 41 11.32 -17.38 10.26
CA ARG A 41 12.42 -17.57 9.33
C ARG A 41 11.87 -17.56 7.92
N LEU A 42 12.35 -16.65 7.09
CA LEU A 42 11.93 -16.62 5.69
C LEU A 42 12.96 -17.34 4.82
N SER A 43 12.51 -17.90 3.69
N SER A 43 12.48 -17.89 3.69
CA SER A 43 13.39 -18.54 2.73
CA SER A 43 13.32 -18.53 2.70
C SER A 43 13.06 -18.04 1.33
C SER A 43 13.07 -17.85 1.35
N CYS A 44 14.03 -18.02 0.44
CA CYS A 44 13.87 -17.49 -0.91
C CYS A 44 14.60 -18.48 -1.83
N ALA A 45 13.83 -19.15 -2.67
CA ALA A 45 14.38 -20.13 -3.61
C ALA A 45 14.74 -19.41 -4.89
N ALA A 46 15.99 -19.54 -5.33
CA ALA A 46 16.46 -18.91 -6.57
C ALA A 46 16.52 -19.94 -7.70
N SER A 47 16.17 -19.52 -8.91
N SER A 47 16.11 -19.51 -8.91
CA SER A 47 16.29 -20.40 -10.07
CA SER A 47 16.14 -20.36 -10.09
C SER A 47 16.64 -19.60 -11.32
C SER A 47 16.66 -19.58 -11.31
N GLY A 48 17.21 -20.29 -12.30
CA GLY A 48 17.60 -19.70 -13.57
C GLY A 48 18.90 -18.92 -13.67
N PHE A 49 19.70 -18.87 -12.60
CA PHE A 49 21.00 -18.19 -12.65
C PHE A 49 21.97 -18.86 -11.67
N THR A 50 23.28 -18.59 -11.78
CA THR A 50 24.26 -19.20 -10.88
C THR A 50 24.17 -18.44 -9.57
N PHE A 51 23.32 -18.93 -8.67
CA PHE A 51 23.06 -18.28 -7.37
C PHE A 51 24.33 -18.02 -6.58
N SER A 52 25.26 -18.98 -6.58
CA SER A 52 26.52 -18.84 -5.85
C SER A 52 27.48 -17.76 -6.36
N SER A 53 27.14 -17.11 -7.49
CA SER A 53 27.96 -16.03 -8.03
C SER A 53 27.43 -14.65 -7.70
N TYR A 54 26.26 -14.54 -7.05
CA TYR A 54 25.68 -13.24 -6.73
C TYR A 54 25.53 -12.94 -5.27
N GLY A 55 25.76 -11.69 -4.94
CA GLY A 55 25.37 -11.15 -3.65
C GLY A 55 23.84 -11.13 -3.59
N MET A 56 23.26 -11.26 -2.42
CA MET A 56 21.80 -11.34 -2.27
C MET A 56 21.39 -10.44 -1.11
N HIS A 57 20.16 -9.93 -1.21
CA HIS A 57 19.63 -9.00 -0.22
C HIS A 57 18.25 -9.35 0.22
N TRP A 58 17.84 -8.74 1.34
CA TRP A 58 16.45 -8.66 1.73
C TRP A 58 16.12 -7.15 1.82
N VAL A 59 14.95 -6.79 1.33
CA VAL A 59 14.40 -5.42 1.34
C VAL A 59 12.99 -5.54 1.82
N ARG A 60 12.50 -4.59 2.64
CA ARG A 60 11.12 -4.69 3.14
C ARG A 60 10.35 -3.41 2.90
N GLN A 61 9.02 -3.51 2.96
CA GLN A 61 8.17 -2.36 2.77
C GLN A 61 7.01 -2.45 3.72
N ALA A 62 6.97 -1.53 4.70
CA ALA A 62 5.86 -1.49 5.63
C ALA A 62 4.61 -1.02 4.87
N PRO A 63 3.41 -1.47 5.27
CA PRO A 63 2.21 -1.07 4.49
C PRO A 63 2.05 0.45 4.34
N GLY A 64 1.93 0.89 3.10
CA GLY A 64 1.75 2.29 2.75
C GLY A 64 3.01 3.15 2.88
N LYS A 65 4.18 2.52 3.13
CA LYS A 65 5.45 3.25 3.31
C LYS A 65 6.44 2.91 2.19
N GLY A 66 7.64 3.47 2.27
CA GLY A 66 8.66 3.28 1.27
C GLY A 66 9.47 2.01 1.47
N LEU A 67 10.46 1.84 0.60
CA LEU A 67 11.34 0.68 0.66
C LEU A 67 12.44 0.89 1.69
N GLU A 68 12.79 -0.20 2.42
CA GLU A 68 13.87 -0.15 3.42
C GLU A 68 14.74 -1.38 3.22
N TRP A 69 16.03 -1.17 2.90
CA TRP A 69 16.96 -2.28 2.77
C TRP A 69 17.18 -2.90 4.17
N VAL A 70 17.28 -4.24 4.23
CA VAL A 70 17.40 -4.95 5.50
C VAL A 70 18.81 -5.54 5.67
N ALA A 71 19.28 -6.34 4.68
CA ALA A 71 20.55 -7.03 4.85
C ALA A 71 21.11 -7.49 3.52
N VAL A 72 22.42 -7.72 3.48
CA VAL A 72 23.11 -8.25 2.31
C VAL A 72 24.05 -9.37 2.73
N ILE A 73 24.26 -10.33 1.82
CA ILE A 73 25.24 -11.38 2.00
C ILE A 73 26.05 -11.53 0.72
N TRP A 74 27.38 -11.59 0.88
CA TRP A 74 28.27 -11.77 -0.25
C TRP A 74 28.01 -13.09 -0.97
N TYR A 75 28.45 -13.18 -2.24
CA TYR A 75 28.16 -14.37 -3.04
C TYR A 75 28.62 -15.66 -2.38
N ASP A 76 29.77 -15.62 -1.70
CA ASP A 76 30.31 -16.83 -1.07
C ASP A 76 29.94 -16.95 0.43
N GLY A 77 29.07 -16.06 0.92
CA GLY A 77 28.61 -16.05 2.29
C GLY A 77 29.66 -15.63 3.30
N THR A 78 30.80 -15.06 2.87
CA THR A 78 31.89 -14.76 3.83
C THR A 78 31.75 -13.41 4.53
N ASN A 79 30.72 -12.62 4.19
CA ASN A 79 30.45 -11.41 4.96
C ASN A 79 29.00 -10.98 4.76
N THR A 80 28.49 -10.25 5.75
CA THR A 80 27.10 -9.79 5.76
C THR A 80 27.04 -8.44 6.40
N TYR A 81 26.03 -7.62 5.99
CA TYR A 81 25.79 -6.32 6.61
C TYR A 81 24.29 -6.17 6.84
N TYR A 82 23.95 -5.34 7.82
CA TYR A 82 22.58 -5.14 8.24
C TYR A 82 22.25 -3.67 8.45
N ALA A 83 20.97 -3.33 8.24
CA ALA A 83 20.47 -2.01 8.60
C ALA A 83 20.50 -1.92 10.15
N ASP A 84 20.76 -0.74 10.70
CA ASP A 84 20.78 -0.58 12.16
C ASP A 84 19.44 -0.99 12.81
N SER A 85 18.32 -0.82 12.07
CA SER A 85 16.99 -1.14 12.59
C SER A 85 16.80 -2.63 12.90
N VAL A 86 17.60 -3.52 12.28
CA VAL A 86 17.46 -4.97 12.47
C VAL A 86 18.73 -5.63 13.04
N LYS A 87 19.84 -4.87 13.18
CA LYS A 87 21.11 -5.42 13.67
C LYS A 87 20.94 -6.20 14.99
N GLY A 88 21.55 -7.38 15.04
CA GLY A 88 21.52 -8.24 16.20
C GLY A 88 20.30 -9.14 16.28
N ARG A 89 19.15 -8.70 15.71
CA ARG A 89 17.91 -9.50 15.77
C ARG A 89 17.72 -10.34 14.52
N PHE A 90 18.14 -9.82 13.36
CA PHE A 90 17.98 -10.54 12.12
C PHE A 90 19.30 -11.12 11.64
N THR A 91 19.25 -12.28 10.95
CA THR A 91 20.43 -12.88 10.37
C THR A 91 20.12 -13.32 8.96
N ILE A 92 20.90 -12.84 7.99
CA ILE A 92 20.77 -13.27 6.62
C ILE A 92 21.77 -14.42 6.42
N SER A 93 21.36 -15.46 5.71
CA SER A 93 22.26 -16.57 5.42
C SER A 93 21.91 -17.22 4.09
N ARG A 94 22.81 -18.05 3.56
CA ARG A 94 22.52 -18.69 2.28
C ARG A 94 23.07 -20.09 2.25
N ASP A 95 22.46 -20.93 1.42
CA ASP A 95 22.94 -22.29 1.21
C ASP A 95 23.11 -22.41 -0.30
N ASN A 96 24.32 -22.19 -0.78
CA ASN A 96 24.60 -22.24 -2.20
C ASN A 96 24.35 -23.61 -2.84
N SER A 97 24.48 -24.69 -2.07
CA SER A 97 24.18 -26.03 -2.61
C SER A 97 22.67 -26.23 -2.89
N LYS A 98 21.79 -25.46 -2.23
CA LYS A 98 20.34 -25.52 -2.39
C LYS A 98 19.77 -24.30 -3.15
N ASN A 99 20.61 -23.32 -3.55
CA ASN A 99 20.15 -22.11 -4.22
C ASN A 99 19.09 -21.40 -3.38
N THR A 100 19.34 -21.30 -2.06
CA THR A 100 18.35 -20.71 -1.16
C THR A 100 18.97 -19.66 -0.26
N LEU A 101 18.24 -18.57 -0.08
CA LEU A 101 18.58 -17.48 0.80
C LEU A 101 17.62 -17.50 1.99
N TYR A 102 18.12 -17.15 3.19
CA TYR A 102 17.29 -17.14 4.38
C TYR A 102 17.37 -15.81 5.08
N LEU A 103 16.31 -15.53 5.85
CA LEU A 103 16.28 -14.41 6.78
C LEU A 103 15.69 -14.90 8.10
N GLN A 104 16.53 -15.00 9.12
CA GLN A 104 16.09 -15.41 10.46
C GLN A 104 15.74 -14.10 11.18
N MET A 105 14.50 -13.97 11.64
CA MET A 105 14.04 -12.76 12.31
C MET A 105 13.66 -13.08 13.73
N ASN A 106 14.43 -12.63 14.69
CA ASN A 106 14.17 -12.89 16.11
C ASN A 106 13.75 -11.62 16.83
N SER A 107 13.15 -11.76 18.04
CA SER A 107 12.73 -10.60 18.85
C SER A 107 11.96 -9.57 18.01
N LEU A 108 11.03 -10.08 17.22
CA LEU A 108 10.24 -9.25 16.33
C LEU A 108 9.41 -8.21 17.06
N ARG A 109 9.21 -7.06 16.39
CA ARG A 109 8.47 -5.94 16.96
C ARG A 109 7.40 -5.52 15.94
N ALA A 110 6.36 -4.82 16.39
CA ALA A 110 5.27 -4.36 15.51
C ALA A 110 5.82 -3.60 14.28
N GLU A 111 6.84 -2.77 14.49
CA GLU A 111 7.45 -1.99 13.42
C GLU A 111 8.17 -2.85 12.36
N ASP A 112 8.36 -4.14 12.59
CA ASP A 112 8.93 -5.03 11.58
C ASP A 112 7.83 -5.53 10.62
N THR A 113 6.55 -5.18 10.83
CA THR A 113 5.46 -5.60 9.94
C THR A 113 5.72 -5.02 8.56
N ALA A 114 5.83 -5.88 7.58
CA ALA A 114 6.14 -5.45 6.21
C ALA A 114 6.03 -6.59 5.24
N VAL A 115 6.00 -6.26 3.93
CA VAL A 115 6.21 -7.22 2.87
C VAL A 115 7.75 -7.32 2.78
N TYR A 116 8.28 -8.54 2.82
CA TYR A 116 9.71 -8.80 2.71
C TYR A 116 9.98 -9.34 1.34
N TYR A 117 10.92 -8.70 0.65
CA TYR A 117 11.37 -9.15 -0.66
C TYR A 117 12.80 -9.63 -0.63
N CYS A 118 13.10 -10.76 -1.30
N CYS A 118 13.03 -10.67 -1.40
CA CYS A 118 14.50 -11.14 -1.51
CA CYS A 118 14.33 -11.24 -1.69
C CYS A 118 14.88 -10.57 -2.89
C CYS A 118 14.81 -10.48 -2.95
N ALA A 119 16.12 -10.11 -3.03
CA ALA A 119 16.58 -9.46 -4.26
C ALA A 119 18.02 -9.78 -4.58
N ARG A 120 18.31 -9.94 -5.86
CA ARG A 120 19.67 -10.27 -6.30
C ARG A 120 20.43 -8.98 -6.52
N ASP A 121 21.71 -8.97 -6.12
CA ASP A 121 22.56 -7.82 -6.42
C ASP A 121 22.92 -7.90 -7.89
N LEU A 122 23.02 -6.73 -8.54
CA LEU A 122 23.36 -6.70 -9.98
C LEU A 122 24.73 -7.26 -10.31
N ALA A 123 25.70 -7.06 -9.41
CA ALA A 123 27.09 -7.40 -9.70
C ALA A 123 27.39 -8.89 -9.70
N TYR A 124 28.25 -9.34 -10.62
CA TYR A 124 28.61 -10.75 -10.76
C TYR A 124 29.95 -11.00 -10.06
N ARG A 125 29.97 -11.94 -9.11
CA ARG A 125 31.18 -12.33 -8.33
C ARG A 125 32.00 -11.12 -7.89
N ASP A 126 31.32 -10.22 -7.22
CA ASP A 126 31.89 -8.95 -6.80
C ASP A 126 31.37 -8.63 -5.43
N TYR A 127 32.27 -8.43 -4.45
CA TYR A 127 31.81 -8.11 -3.09
C TYR A 127 31.18 -6.72 -3.00
N VAL A 128 31.39 -5.81 -3.97
CA VAL A 128 30.79 -4.49 -3.90
C VAL A 128 29.32 -4.64 -4.27
N TRP A 129 28.45 -4.40 -3.29
CA TRP A 129 27.00 -4.51 -3.42
C TRP A 129 26.45 -3.11 -3.67
N ARG A 130 25.48 -2.97 -4.58
CA ARG A 130 24.93 -1.64 -4.86
C ARG A 130 23.47 -1.66 -5.29
N TYR A 131 23.08 -2.51 -6.27
CA TYR A 131 21.74 -2.41 -6.86
C TYR A 131 21.00 -3.73 -6.80
N PHE A 132 19.65 -3.66 -6.85
CA PHE A 132 18.78 -4.84 -6.81
C PHE A 132 18.23 -5.08 -8.21
N ASP A 133 18.83 -6.02 -8.98
CA ASP A 133 18.40 -6.19 -10.37
C ASP A 133 17.29 -7.23 -10.58
N LEU A 134 16.99 -8.02 -9.57
CA LEU A 134 15.93 -9.05 -9.68
C LEU A 134 15.27 -9.15 -8.34
N TRP A 135 13.93 -9.14 -8.33
CA TRP A 135 13.18 -9.16 -7.08
C TRP A 135 12.21 -10.32 -7.03
N GLY A 136 11.98 -10.80 -5.83
CA GLY A 136 10.96 -11.81 -5.61
C GLY A 136 9.58 -11.16 -5.64
N ARG A 137 8.55 -11.94 -5.29
CA ARG A 137 7.16 -11.49 -5.29
C ARG A 137 6.79 -10.77 -3.97
N GLY A 138 7.54 -11.07 -2.90
CA GLY A 138 7.32 -10.55 -1.57
C GLY A 138 6.45 -11.48 -0.74
N THR A 139 6.66 -11.46 0.57
CA THR A 139 5.82 -12.23 1.49
C THR A 139 5.52 -11.32 2.69
N LEU A 140 4.26 -11.31 3.12
CA LEU A 140 3.86 -10.44 4.23
C LEU A 140 4.19 -11.06 5.56
N VAL A 141 4.78 -10.25 6.44
CA VAL A 141 5.04 -10.63 7.83
C VAL A 141 4.32 -9.61 8.68
N THR A 142 3.37 -10.06 9.53
CA THR A 142 2.65 -9.15 10.41
C THR A 142 3.00 -9.51 11.83
N VAL A 143 3.52 -8.53 12.57
CA VAL A 143 3.92 -8.72 13.95
C VAL A 143 2.90 -8.00 14.81
N SER A 144 2.19 -8.75 15.66
CA SER A 144 1.15 -8.14 16.48
C SER A 144 0.69 -9.08 17.59
N GLY A 145 0.13 -8.50 18.63
CA GLY A 145 -0.51 -9.28 19.69
C GLY A 145 -1.84 -9.88 19.24
N ALA A 146 -2.42 -9.38 18.12
CA ALA A 146 -3.69 -9.91 17.62
C ALA A 146 -3.52 -11.33 17.11
N SER A 147 -4.60 -12.08 17.13
CA SER A 147 -4.64 -13.43 16.61
C SER A 147 -5.48 -13.47 15.34
N THR A 148 -5.21 -14.45 14.45
CA THR A 148 -5.95 -14.61 13.20
C THR A 148 -7.46 -14.70 13.46
N LYS A 149 -8.22 -13.83 12.80
CA LYS A 149 -9.66 -13.70 13.02
C LYS A 149 -10.33 -13.24 11.72
N GLY A 150 -11.43 -13.87 11.35
CA GLY A 150 -12.20 -13.48 10.18
C GLY A 150 -13.04 -12.25 10.48
N PRO A 151 -13.44 -11.49 9.46
CA PRO A 151 -14.23 -10.27 9.70
C PRO A 151 -15.70 -10.51 9.94
N SER A 152 -16.35 -9.51 10.54
CA SER A 152 -17.79 -9.38 10.59
C SER A 152 -18.11 -8.47 9.37
N VAL A 153 -19.18 -8.75 8.63
CA VAL A 153 -19.53 -7.95 7.45
C VAL A 153 -20.87 -7.32 7.70
N PHE A 154 -20.92 -5.98 7.67
CA PHE A 154 -22.16 -5.24 7.93
C PHE A 154 -22.56 -4.47 6.68
N PRO A 155 -23.86 -4.33 6.40
CA PRO A 155 -24.27 -3.56 5.22
C PRO A 155 -24.14 -2.05 5.44
N LEU A 156 -23.85 -1.34 4.35
CA LEU A 156 -23.86 0.12 4.29
C LEU A 156 -25.07 0.36 3.38
N ALA A 157 -26.26 0.53 3.99
CA ALA A 157 -27.52 0.55 3.23
C ALA A 157 -27.77 1.85 2.47
N PRO A 158 -28.25 1.78 1.21
CA PRO A 158 -28.55 3.03 0.48
C PRO A 158 -29.82 3.71 0.99
N GLY A 166 -29.27 11.38 -9.93
CA GLY A 166 -29.98 10.13 -9.68
C GLY A 166 -29.04 8.97 -9.44
N THR A 167 -28.10 9.15 -8.50
CA THR A 167 -27.11 8.12 -8.17
C THR A 167 -27.20 7.76 -6.69
N ALA A 168 -27.25 6.45 -6.39
CA ALA A 168 -27.27 5.93 -5.02
C ALA A 168 -25.95 5.23 -4.72
N ALA A 169 -25.54 5.20 -3.45
CA ALA A 169 -24.34 4.50 -3.02
C ALA A 169 -24.69 3.48 -1.95
N LEU A 170 -24.08 2.31 -2.04
CA LEU A 170 -24.28 1.25 -1.05
C LEU A 170 -22.97 0.50 -0.89
N GLY A 171 -22.85 -0.31 0.15
CA GLY A 171 -21.60 -1.02 0.37
C GLY A 171 -21.64 -2.02 1.48
N CYS A 172 -20.45 -2.43 1.90
CA CYS A 172 -20.24 -3.38 2.98
CA CYS A 172 -20.30 -3.33 3.03
C CYS A 172 -19.06 -2.93 3.82
N LEU A 173 -19.19 -3.02 5.15
CA LEU A 173 -18.15 -2.70 6.09
C LEU A 173 -17.62 -4.04 6.55
N VAL A 174 -16.34 -4.30 6.30
CA VAL A 174 -15.67 -5.56 6.62
C VAL A 174 -14.80 -5.25 7.83
N LYS A 175 -15.31 -5.57 9.02
CA LYS A 175 -14.69 -5.13 10.25
C LYS A 175 -14.08 -6.22 11.10
N ASP A 176 -13.00 -5.86 11.82
CA ASP A 176 -12.38 -6.67 12.85
C ASP A 176 -11.80 -7.98 12.36
N TYR A 177 -10.85 -7.89 11.40
CA TYR A 177 -10.15 -9.06 10.94
C TYR A 177 -8.66 -8.94 11.13
N PHE A 178 -7.97 -10.08 11.09
CA PHE A 178 -6.53 -10.09 11.20
C PHE A 178 -5.99 -11.37 10.58
N PRO A 179 -4.85 -11.35 9.89
CA PRO A 179 -4.12 -10.19 9.37
C PRO A 179 -4.76 -9.78 8.02
N GLU A 180 -4.06 -8.89 7.30
CA GLU A 180 -4.45 -8.55 5.94
C GLU A 180 -4.09 -9.76 5.06
N PRO A 181 -4.70 -9.88 3.87
CA PRO A 181 -5.70 -9.00 3.25
C PRO A 181 -7.09 -9.65 3.20
N VAL A 182 -8.08 -8.85 2.78
CA VAL A 182 -9.40 -9.37 2.44
C VAL A 182 -9.61 -8.98 0.97
N THR A 183 -10.46 -9.73 0.27
CA THR A 183 -10.88 -9.37 -1.07
C THR A 183 -12.40 -9.20 -1.00
N VAL A 184 -12.90 -8.33 -1.85
CA VAL A 184 -14.33 -8.11 -1.93
C VAL A 184 -14.75 -8.06 -3.39
N SER A 185 -15.84 -8.75 -3.71
N SER A 185 -15.84 -8.76 -3.71
CA SER A 185 -16.44 -8.64 -5.04
CA SER A 185 -16.47 -8.71 -5.03
C SER A 185 -17.93 -8.32 -4.84
C SER A 185 -17.95 -8.35 -4.84
N TRP A 186 -18.62 -7.94 -5.91
CA TRP A 186 -20.05 -7.61 -5.83
C TRP A 186 -20.80 -8.49 -6.82
N ASN A 187 -21.90 -9.09 -6.39
CA ASN A 187 -22.71 -9.99 -7.23
C ASN A 187 -21.88 -11.09 -7.89
N SER A 188 -20.99 -11.69 -7.09
CA SER A 188 -20.12 -12.79 -7.51
C SER A 188 -19.22 -12.41 -8.71
N GLY A 189 -18.89 -11.12 -8.84
CA GLY A 189 -18.07 -10.63 -9.94
C GLY A 189 -18.86 -10.01 -11.09
N ALA A 190 -20.21 -10.13 -11.09
CA ALA A 190 -21.01 -9.54 -12.17
C ALA A 190 -21.11 -8.02 -12.08
N LEU A 191 -20.78 -7.41 -10.92
CA LEU A 191 -20.85 -5.95 -10.76
C LEU A 191 -19.44 -5.42 -10.49
N THR A 192 -18.90 -4.65 -11.43
CA THR A 192 -17.55 -4.10 -11.31
C THR A 192 -17.55 -2.59 -11.51
N SER A 193 -18.43 -2.06 -12.38
CA SER A 193 -18.46 -0.62 -12.63
C SER A 193 -18.95 0.15 -11.40
N GLY A 194 -18.24 1.21 -11.05
CA GLY A 194 -18.57 2.02 -9.89
C GLY A 194 -18.18 1.43 -8.55
N VAL A 195 -17.48 0.29 -8.53
CA VAL A 195 -17.06 -0.32 -7.25
C VAL A 195 -15.79 0.34 -6.77
N HIS A 196 -15.70 0.64 -5.46
CA HIS A 196 -14.47 1.13 -4.87
C HIS A 196 -14.26 0.32 -3.60
N THR A 197 -13.14 -0.41 -3.51
CA THR A 197 -12.79 -1.16 -2.31
C THR A 197 -11.60 -0.45 -1.73
N PHE A 198 -11.77 0.08 -0.51
CA PHE A 198 -10.76 0.93 0.08
C PHE A 198 -9.63 0.18 0.77
N PRO A 199 -8.46 0.81 0.92
CA PRO A 199 -7.42 0.21 1.76
C PRO A 199 -7.92 0.06 3.19
N ALA A 200 -7.51 -1.01 3.88
CA ALA A 200 -7.94 -1.20 5.26
C ALA A 200 -7.24 -0.21 6.18
N VAL A 201 -7.85 0.04 7.34
CA VAL A 201 -7.22 0.80 8.41
C VAL A 201 -6.98 -0.16 9.56
N LEU A 202 -5.91 0.07 10.31
CA LEU A 202 -5.57 -0.73 11.48
C LEU A 202 -6.16 -0.01 12.70
N GLN A 203 -7.09 -0.65 13.40
CA GLN A 203 -7.76 -0.04 14.56
C GLN A 203 -6.89 -0.14 15.83
N SER A 204 -7.21 0.65 16.88
CA SER A 204 -6.45 0.59 18.13
C SER A 204 -6.50 -0.81 18.77
N SER A 205 -7.56 -1.59 18.48
CA SER A 205 -7.72 -2.97 18.94
C SER A 205 -6.69 -3.94 18.30
N GLY A 206 -5.98 -3.50 17.25
CA GLY A 206 -5.06 -4.37 16.54
C GLY A 206 -5.71 -5.15 15.41
N LEU A 207 -7.01 -4.91 15.14
CA LEU A 207 -7.72 -5.57 14.06
C LEU A 207 -7.97 -4.55 12.95
N TYR A 208 -8.04 -5.04 11.73
CA TYR A 208 -8.27 -4.23 10.55
C TYR A 208 -9.76 -4.05 10.25
N SER A 209 -10.06 -2.99 9.51
CA SER A 209 -11.41 -2.73 9.04
C SER A 209 -11.32 -2.09 7.66
N LEU A 210 -12.20 -2.49 6.74
CA LEU A 210 -12.24 -1.85 5.43
C LEU A 210 -13.64 -1.73 4.93
N SER A 211 -13.87 -0.81 3.99
CA SER A 211 -15.17 -0.70 3.37
C SER A 211 -15.06 -0.95 1.88
N SER A 212 -16.15 -1.42 1.28
CA SER A 212 -16.26 -1.54 -0.16
C SER A 212 -17.60 -0.96 -0.53
N VAL A 213 -17.63 -0.08 -1.53
CA VAL A 213 -18.85 0.59 -1.93
C VAL A 213 -19.07 0.44 -3.43
N VAL A 214 -20.31 0.70 -3.87
CA VAL A 214 -20.62 0.76 -5.26
C VAL A 214 -21.69 1.84 -5.45
N THR A 215 -21.57 2.64 -6.51
CA THR A 215 -22.59 3.62 -6.87
C THR A 215 -23.34 3.05 -8.06
N VAL A 216 -24.68 3.14 -7.99
CA VAL A 216 -25.57 2.63 -9.01
C VAL A 216 -26.66 3.67 -9.30
N PRO A 217 -27.39 3.57 -10.43
CA PRO A 217 -28.52 4.49 -10.64
C PRO A 217 -29.58 4.27 -9.55
N SER A 218 -30.19 5.34 -9.02
CA SER A 218 -31.21 5.22 -7.96
C SER A 218 -32.37 4.30 -8.36
N SER A 219 -32.73 4.29 -9.65
CA SER A 219 -33.81 3.44 -10.15
C SER A 219 -33.48 1.94 -10.05
N SER A 220 -32.19 1.58 -10.05
CA SER A 220 -31.77 0.18 -9.96
C SER A 220 -31.97 -0.43 -8.57
N LEU A 221 -32.21 0.39 -7.52
CA LEU A 221 -32.38 -0.14 -6.17
C LEU A 221 -33.55 -1.12 -6.04
N GLY A 222 -34.62 -0.91 -6.81
CA GLY A 222 -35.77 -1.80 -6.80
C GLY A 222 -35.67 -2.98 -7.76
N THR A 223 -34.91 -2.84 -8.87
CA THR A 223 -34.79 -3.89 -9.89
C THR A 223 -33.61 -4.84 -9.72
N GLN A 224 -32.49 -4.39 -9.14
CA GLN A 224 -31.29 -5.20 -8.99
C GLN A 224 -31.00 -5.54 -7.52
N THR A 225 -30.52 -6.77 -7.26
CA THR A 225 -30.10 -7.22 -5.94
C THR A 225 -28.59 -7.00 -5.83
N TYR A 226 -28.11 -6.55 -4.66
CA TYR A 226 -26.70 -6.27 -4.42
C TYR A 226 -26.18 -7.12 -3.28
N ILE A 227 -25.17 -7.95 -3.55
CA ILE A 227 -24.57 -8.81 -2.55
C ILE A 227 -23.07 -8.60 -2.59
N CYS A 228 -22.47 -8.40 -1.42
CA CYS A 228 -21.00 -8.30 -1.37
CA CYS A 228 -21.05 -8.21 -1.17
C CYS A 228 -20.46 -9.64 -0.93
N ASN A 229 -19.36 -10.04 -1.59
CA ASN A 229 -18.75 -11.36 -1.37
C ASN A 229 -17.37 -11.08 -0.80
N VAL A 230 -17.15 -11.43 0.46
CA VAL A 230 -15.91 -11.13 1.16
C VAL A 230 -15.16 -12.39 1.42
N ASN A 231 -13.84 -12.40 1.16
CA ASN A 231 -13.00 -13.55 1.46
C ASN A 231 -11.84 -13.08 2.33
N HIS A 232 -11.52 -13.86 3.36
CA HIS A 232 -10.38 -13.65 4.23
C HIS A 232 -9.68 -15.01 4.28
N LYS A 233 -8.70 -15.20 3.40
CA LYS A 233 -8.04 -16.48 3.27
C LYS A 233 -7.34 -16.96 4.56
N PRO A 234 -6.68 -16.09 5.34
CA PRO A 234 -6.02 -16.56 6.58
C PRO A 234 -6.94 -17.30 7.54
N SER A 235 -8.21 -16.89 7.62
CA SER A 235 -9.17 -17.56 8.52
C SER A 235 -10.15 -18.49 7.75
N ASN A 236 -9.99 -18.64 6.42
CA ASN A 236 -10.89 -19.41 5.56
C ASN A 236 -12.31 -18.87 5.68
N THR A 237 -12.48 -17.54 5.76
CA THR A 237 -13.81 -16.94 5.91
C THR A 237 -14.31 -16.58 4.53
N LYS A 238 -15.58 -16.90 4.27
CA LYS A 238 -16.25 -16.56 3.03
C LYS A 238 -17.62 -16.06 3.45
N VAL A 239 -17.93 -14.80 3.11
CA VAL A 239 -19.20 -14.22 3.51
C VAL A 239 -19.93 -13.66 2.31
N ASP A 240 -21.24 -13.88 2.26
CA ASP A 240 -22.11 -13.27 1.25
C ASP A 240 -23.08 -12.40 2.04
N LYS A 241 -23.07 -11.09 1.81
CA LYS A 241 -23.96 -10.19 2.53
C LYS A 241 -24.86 -9.41 1.58
N ARG A 242 -26.17 -9.64 1.63
CA ARG A 242 -27.12 -8.90 0.81
C ARG A 242 -27.28 -7.50 1.43
N VAL A 243 -27.21 -6.46 0.60
CA VAL A 243 -27.31 -5.06 1.06
C VAL A 243 -28.61 -4.51 0.51
N GLU A 244 -29.60 -4.30 1.39
CA GLU A 244 -30.94 -3.85 1.00
C GLU A 244 -31.16 -2.37 1.32
N PRO A 245 -31.99 -1.65 0.54
CA PRO A 245 -32.28 -0.25 0.86
C PRO A 245 -32.93 -0.04 2.22
N GLU B 23 26.43 8.66 6.24
CA GLU B 23 25.17 8.19 5.64
C GLU B 23 24.64 9.17 4.61
N ILE B 24 24.18 8.67 3.47
CA ILE B 24 23.59 9.54 2.45
C ILE B 24 22.09 9.59 2.66
N VAL B 25 21.49 10.76 2.42
CA VAL B 25 20.05 10.92 2.41
C VAL B 25 19.66 11.28 0.96
N LEU B 26 18.62 10.67 0.41
CA LEU B 26 18.13 10.99 -0.93
C LEU B 26 16.75 11.62 -0.76
N THR B 27 16.54 12.76 -1.42
CA THR B 27 15.27 13.45 -1.33
C THR B 27 14.68 13.53 -2.71
N GLN B 28 13.46 13.03 -2.86
CA GLN B 28 12.79 13.05 -4.13
C GLN B 28 11.76 14.13 -4.18
N SER B 29 11.67 14.83 -5.32
N SER B 29 11.69 14.85 -5.30
CA SER B 29 10.70 15.87 -5.55
CA SER B 29 10.71 15.91 -5.51
C SER B 29 10.15 15.79 -6.97
C SER B 29 10.18 15.89 -6.96
N PRO B 30 8.89 16.22 -7.15
CA PRO B 30 7.90 16.56 -6.11
C PRO B 30 7.45 15.20 -5.48
N ALA B 31 6.76 15.18 -4.33
CA ALA B 31 6.23 13.92 -3.76
C ALA B 31 5.21 13.30 -4.75
N THR B 32 4.42 14.16 -5.43
CA THR B 32 3.44 13.73 -6.42
C THR B 32 3.61 14.59 -7.66
N LEU B 33 3.72 13.97 -8.81
CA LEU B 33 3.87 14.65 -10.10
C LEU B 33 2.55 14.44 -10.86
N SER B 34 1.86 15.53 -11.23
CA SER B 34 0.56 15.47 -11.90
C SER B 34 0.77 15.77 -13.38
N LEU B 35 0.59 14.75 -14.22
CA LEU B 35 0.86 14.86 -15.66
C LEU B 35 -0.23 14.20 -16.52
N SER B 36 -0.16 14.36 -17.84
N SER B 36 -0.15 14.34 -17.84
CA SER B 36 -1.13 13.75 -18.75
CA SER B 36 -1.12 13.73 -18.74
C SER B 36 -0.48 12.52 -19.44
C SER B 36 -0.47 12.50 -19.42
N PRO B 37 -1.24 11.50 -19.87
CA PRO B 37 -0.62 10.37 -20.59
C PRO B 37 0.03 10.88 -21.89
N GLY B 38 1.21 10.37 -22.23
CA GLY B 38 1.97 10.84 -23.38
C GLY B 38 2.92 11.99 -23.10
N GLU B 39 2.65 12.81 -22.07
CA GLU B 39 3.52 13.94 -21.69
C GLU B 39 4.86 13.42 -21.13
N ARG B 40 5.89 14.27 -21.13
CA ARG B 40 7.21 13.89 -20.61
C ARG B 40 7.19 14.01 -19.09
N ALA B 41 7.69 12.98 -18.38
CA ALA B 41 7.78 13.04 -16.92
C ALA B 41 9.24 13.26 -16.56
N THR B 42 9.50 14.20 -15.65
CA THR B 42 10.83 14.52 -15.16
C THR B 42 10.77 14.33 -13.65
N LEU B 43 11.46 13.32 -13.09
CA LEU B 43 11.47 13.11 -11.63
C LEU B 43 12.85 13.45 -11.10
N SER B 44 12.93 14.09 -9.93
CA SER B 44 14.19 14.55 -9.34
CA SER B 44 14.21 14.51 -9.37
C SER B 44 14.60 13.73 -8.13
N CYS B 45 15.91 13.53 -7.95
CA CYS B 45 16.45 12.88 -6.77
C CYS B 45 17.68 13.72 -6.37
N ARG B 46 17.68 14.25 -5.14
CA ARG B 46 18.80 15.03 -4.63
C ARG B 46 19.51 14.23 -3.57
N ALA B 47 20.85 14.10 -3.69
CA ALA B 47 21.60 13.41 -2.62
C ALA B 47 22.20 14.43 -1.68
N SER B 48 22.35 14.03 -0.41
CA SER B 48 22.89 14.92 0.60
C SER B 48 24.37 15.25 0.39
N GLN B 49 25.11 14.26 -0.17
CA GLN B 49 26.53 14.40 -0.56
C GLN B 49 26.72 13.58 -1.82
N SER B 50 27.82 13.82 -2.53
CA SER B 50 28.04 13.14 -3.80
C SER B 50 27.97 11.62 -3.70
N VAL B 51 27.31 11.00 -4.68
CA VAL B 51 27.35 9.56 -4.88
C VAL B 51 27.96 9.30 -6.29
N SER B 52 28.69 10.29 -6.90
CA SER B 52 29.30 10.13 -8.20
C SER B 52 28.16 9.76 -9.19
N THR B 53 28.29 8.68 -9.98
CA THR B 53 27.20 8.25 -10.84
C THR B 53 26.54 6.98 -10.27
N TYR B 54 26.77 6.62 -8.99
CA TYR B 54 26.24 5.35 -8.46
C TYR B 54 24.83 5.52 -7.85
N LEU B 55 23.86 5.70 -8.74
CA LEU B 55 22.46 5.95 -8.38
C LEU B 55 21.56 5.09 -9.24
N ALA B 56 20.52 4.50 -8.65
CA ALA B 56 19.57 3.68 -9.37
C ALA B 56 18.16 4.21 -9.21
N TRP B 57 17.29 3.85 -10.16
CA TRP B 57 15.86 4.18 -10.10
C TRP B 57 15.08 2.88 -10.22
N TYR B 58 14.04 2.77 -9.41
CA TYR B 58 13.12 1.62 -9.43
C TYR B 58 11.71 2.11 -9.68
N GLN B 59 10.89 1.26 -10.28
CA GLN B 59 9.46 1.52 -10.46
C GLN B 59 8.70 0.53 -9.61
N GLN B 60 7.63 0.97 -8.96
CA GLN B 60 6.75 0.08 -8.24
C GLN B 60 5.31 0.38 -8.62
N LYS B 61 4.70 -0.51 -9.37
CA LYS B 61 3.28 -0.40 -9.71
C LYS B 61 2.48 -0.89 -8.49
N PHE B 62 1.28 -0.32 -8.27
CA PHE B 62 0.47 -0.66 -7.10
C PHE B 62 0.23 -2.17 -6.94
N GLY B 63 0.53 -2.69 -5.76
CA GLY B 63 0.36 -4.12 -5.45
C GLY B 63 1.42 -5.05 -6.01
N GLN B 64 2.49 -4.49 -6.64
CA GLN B 64 3.54 -5.31 -7.25
C GLN B 64 4.91 -5.02 -6.62
N ALA B 65 5.85 -5.93 -6.85
CA ALA B 65 7.21 -5.75 -6.36
C ALA B 65 7.87 -4.62 -7.15
N PRO B 66 8.86 -3.92 -6.57
CA PRO B 66 9.61 -2.95 -7.39
C PRO B 66 10.41 -3.64 -8.48
N ARG B 67 10.85 -2.87 -9.46
CA ARG B 67 11.75 -3.40 -10.50
C ARG B 67 12.77 -2.34 -10.83
N LEU B 68 14.00 -2.77 -11.14
CA LEU B 68 15.06 -1.85 -11.50
C LEU B 68 14.77 -1.27 -12.86
N LEU B 69 14.93 0.05 -13.02
CA LEU B 69 14.78 0.73 -14.32
C LEU B 69 16.15 1.16 -14.86
N ILE B 70 16.92 1.84 -14.00
CA ILE B 70 18.19 2.46 -14.33
C ILE B 70 19.19 2.22 -13.23
N TYR B 71 20.45 2.01 -13.59
CA TYR B 71 21.53 1.91 -12.59
C TYR B 71 22.74 2.68 -13.09
N ASP B 72 23.68 3.00 -12.19
CA ASP B 72 24.85 3.82 -12.58
C ASP B 72 24.40 5.15 -13.27
N ALA B 73 23.31 5.72 -12.72
CA ALA B 73 22.68 6.98 -13.13
C ALA B 73 22.01 6.99 -14.50
N SER B 74 22.58 6.31 -15.51
CA SER B 74 22.04 6.38 -16.88
C SER B 74 21.98 5.06 -17.64
N ASN B 75 22.34 3.93 -17.01
N ASN B 75 22.34 3.92 -17.02
CA ASN B 75 22.33 2.65 -17.70
CA ASN B 75 22.29 2.64 -17.72
C ASN B 75 20.96 2.00 -17.53
C ASN B 75 20.95 1.98 -17.54
N ARG B 76 20.23 1.76 -18.64
CA ARG B 76 18.93 1.12 -18.57
C ARG B 76 19.11 -0.37 -18.24
N ALA B 77 18.30 -0.89 -17.31
CA ALA B 77 18.39 -2.29 -16.96
C ALA B 77 17.84 -3.14 -18.12
N THR B 78 18.20 -4.43 -18.16
CA THR B 78 17.80 -5.29 -19.27
C THR B 78 16.29 -5.35 -19.44
N GLY B 79 15.82 -5.25 -20.69
CA GLY B 79 14.40 -5.32 -21.00
C GLY B 79 13.60 -4.06 -20.71
N ILE B 80 14.22 -3.03 -20.10
CA ILE B 80 13.50 -1.80 -19.80
C ILE B 80 13.38 -0.99 -21.09
N PRO B 81 12.16 -0.52 -21.44
CA PRO B 81 12.02 0.25 -22.69
C PRO B 81 12.82 1.55 -22.74
N ALA B 82 13.21 1.96 -23.95
CA ALA B 82 14.00 3.15 -24.21
C ALA B 82 13.36 4.45 -23.72
N ARG B 83 12.03 4.45 -23.50
CA ARG B 83 11.35 5.65 -23.00
C ARG B 83 11.82 6.06 -21.60
N PHE B 84 12.44 5.16 -20.84
CA PHE B 84 12.98 5.48 -19.52
C PHE B 84 14.44 5.85 -19.69
N SER B 85 14.85 6.99 -19.16
CA SER B 85 16.26 7.38 -19.23
C SER B 85 16.66 8.12 -17.98
N GLY B 86 17.89 7.92 -17.57
CA GLY B 86 18.41 8.57 -16.39
C GLY B 86 19.57 9.46 -16.73
N SER B 87 19.73 10.50 -15.93
CA SER B 87 20.86 11.41 -16.09
C SER B 87 21.26 12.02 -14.76
N GLY B 88 22.45 12.62 -14.75
CA GLY B 88 22.96 13.32 -13.59
C GLY B 88 24.13 12.66 -12.92
N SER B 89 24.72 13.39 -12.00
CA SER B 89 25.89 12.91 -11.25
C SER B 89 26.11 13.81 -10.05
N GLY B 90 26.88 13.31 -9.11
CA GLY B 90 27.17 14.05 -7.90
C GLY B 90 25.97 13.98 -6.97
N THR B 91 25.17 15.06 -6.93
CA THR B 91 23.97 15.05 -6.06
C THR B 91 22.68 15.33 -6.80
N ASP B 92 22.71 15.56 -8.13
CA ASP B 92 21.52 16.00 -8.87
C ASP B 92 21.19 15.00 -9.97
N PHE B 93 20.09 14.24 -9.77
CA PHE B 93 19.74 13.17 -10.69
C PHE B 93 18.31 13.31 -11.18
N THR B 94 18.08 12.85 -12.41
CA THR B 94 16.77 12.92 -13.03
C THR B 94 16.42 11.65 -13.71
N LEU B 95 15.16 11.23 -13.59
CA LEU B 95 14.62 10.10 -14.32
C LEU B 95 13.61 10.73 -15.29
N THR B 96 13.77 10.50 -16.60
CA THR B 96 12.86 11.03 -17.62
C THR B 96 12.08 9.88 -18.24
N ILE B 97 10.75 10.03 -18.37
CA ILE B 97 9.94 9.01 -19.02
C ILE B 97 9.38 9.79 -20.22
N SER B 98 9.95 9.54 -21.41
CA SER B 98 9.70 10.37 -22.60
C SER B 98 8.25 10.46 -23.03
N SER B 99 7.48 9.36 -22.92
CA SER B 99 6.08 9.35 -23.34
C SER B 99 5.27 8.31 -22.55
N LEU B 100 4.68 8.76 -21.45
CA LEU B 100 3.97 7.95 -20.48
C LEU B 100 2.89 7.01 -21.06
N GLU B 101 2.89 5.77 -20.56
CA GLU B 101 1.91 4.72 -20.84
C GLU B 101 1.02 4.59 -19.57
N PRO B 102 -0.22 4.06 -19.66
CA PRO B 102 -1.08 3.95 -18.46
C PRO B 102 -0.41 3.30 -17.24
N GLU B 103 0.33 2.21 -17.44
CA GLU B 103 1.01 1.52 -16.34
C GLU B 103 2.16 2.32 -15.72
N ASP B 104 2.61 3.42 -16.36
CA ASP B 104 3.71 4.22 -15.81
C ASP B 104 3.26 5.15 -14.65
N PHE B 105 1.94 5.29 -14.41
CA PHE B 105 1.43 6.15 -13.32
C PHE B 105 1.54 5.29 -12.09
N ALA B 106 2.74 5.30 -11.52
CA ALA B 106 3.19 4.40 -10.48
C ALA B 106 4.13 5.18 -9.51
N VAL B 107 4.77 4.50 -8.55
CA VAL B 107 5.71 5.15 -7.61
C VAL B 107 7.14 4.82 -8.09
N TYR B 108 8.03 5.79 -7.99
CA TYR B 108 9.41 5.64 -8.42
C TYR B 108 10.33 5.99 -7.28
N TYR B 109 11.33 5.17 -7.04
CA TYR B 109 12.28 5.39 -5.97
C TYR B 109 13.69 5.53 -6.52
N CYS B 110 14.47 6.45 -5.99
CA CYS B 110 15.90 6.49 -6.28
C CYS B 110 16.61 5.75 -5.14
N GLN B 111 17.88 5.40 -5.37
CA GLN B 111 18.59 4.52 -4.45
C GLN B 111 20.08 4.65 -4.63
N CYS B 112 20.82 4.56 -3.53
CA CYS B 112 22.28 4.57 -3.62
C CYS B 112 22.86 3.74 -2.46
N ARG B 113 24.19 3.71 -2.35
CA ARG B 113 24.89 3.09 -1.23
C ARG B 113 25.29 4.17 -0.24
N SER B 114 25.35 3.77 1.04
CA SER B 114 25.97 4.54 2.09
C SER B 114 27.12 3.65 2.64
N ASN B 115 28.17 4.29 3.19
CA ASN B 115 29.30 3.57 3.79
C ASN B 115 29.39 3.78 5.30
N TRP B 116 28.77 4.84 5.84
CA TRP B 116 28.88 5.13 7.27
C TRP B 116 27.50 5.35 7.92
N PRO B 117 26.83 4.29 8.43
CA PRO B 117 27.21 2.87 8.38
C PRO B 117 26.93 2.28 7.01
N PRO B 118 27.55 1.18 6.59
CA PRO B 118 27.27 0.53 5.31
C PRO B 118 25.78 0.24 5.19
N GLY B 119 25.22 0.59 4.06
CA GLY B 119 23.81 0.33 3.80
C GLY B 119 23.40 0.78 2.43
N ILE B 120 22.14 0.57 2.13
CA ILE B 120 21.54 1.01 0.90
C ILE B 120 20.48 2.00 1.33
N THR B 121 20.48 3.17 0.70
CA THR B 121 19.56 4.23 0.98
C THR B 121 18.56 4.35 -0.15
N PHE B 122 17.28 4.53 0.18
CA PHE B 122 16.26 4.82 -0.80
C PHE B 122 15.73 6.22 -0.56
N GLY B 123 15.30 6.85 -1.66
CA GLY B 123 14.50 8.07 -1.53
C GLY B 123 13.10 7.69 -1.02
N GLN B 124 12.27 8.68 -0.68
CA GLN B 124 10.91 8.38 -0.14
C GLN B 124 9.87 8.12 -1.22
N GLY B 125 10.25 8.25 -2.49
CA GLY B 125 9.37 7.99 -3.61
C GLY B 125 8.63 9.20 -4.14
N THR B 126 8.40 9.18 -5.44
CA THR B 126 7.56 10.15 -6.15
C THR B 126 6.48 9.35 -6.86
N ARG B 127 5.23 9.75 -6.68
CA ARG B 127 4.11 9.07 -7.34
C ARG B 127 3.69 9.90 -8.52
N LEU B 128 3.38 9.24 -9.64
CA LEU B 128 2.89 9.93 -10.83
C LEU B 128 1.39 9.74 -10.89
N GLU B 129 0.65 10.82 -11.08
CA GLU B 129 -0.80 10.75 -11.24
C GLU B 129 -1.18 11.46 -12.55
N ILE B 130 -2.39 11.14 -13.05
CA ILE B 130 -2.94 11.78 -14.22
C ILE B 130 -3.63 13.07 -13.75
N LYS B 131 -3.27 14.19 -14.36
CA LYS B 131 -3.89 15.46 -14.07
C LYS B 131 -5.22 15.50 -14.84
N ARG B 132 -6.27 15.99 -14.22
CA ARG B 132 -7.57 16.13 -14.86
C ARG B 132 -8.26 17.39 -14.30
N THR B 133 -9.46 17.74 -14.78
CA THR B 133 -10.17 18.90 -14.23
C THR B 133 -10.63 18.63 -12.80
N VAL B 134 -10.82 19.70 -12.01
CA VAL B 134 -11.29 19.58 -10.63
C VAL B 134 -12.69 18.97 -10.62
N ALA B 135 -12.92 18.00 -9.73
CA ALA B 135 -14.22 17.34 -9.64
C ALA B 135 -14.58 17.28 -8.17
N ALA B 136 -15.70 17.87 -7.77
CA ALA B 136 -16.11 17.84 -6.36
C ALA B 136 -16.57 16.42 -6.00
N PRO B 137 -16.40 16.01 -4.74
CA PRO B 137 -16.89 14.69 -4.34
C PRO B 137 -18.40 14.67 -4.22
N SER B 138 -18.99 13.49 -4.46
CA SER B 138 -20.38 13.22 -4.16
C SER B 138 -20.32 12.56 -2.78
N VAL B 139 -21.02 13.10 -1.79
CA VAL B 139 -20.91 12.63 -0.41
C VAL B 139 -22.12 11.80 0.01
N PHE B 140 -21.87 10.71 0.74
CA PHE B 140 -22.90 9.82 1.24
C PHE B 140 -22.56 9.44 2.68
N ILE B 141 -23.58 9.34 3.54
CA ILE B 141 -23.37 8.92 4.92
C ILE B 141 -24.19 7.67 5.17
N PHE B 142 -23.62 6.74 5.94
CA PHE B 142 -24.27 5.49 6.27
C PHE B 142 -24.36 5.30 7.76
N PRO B 143 -25.56 5.12 8.33
CA PRO B 143 -25.64 4.81 9.76
C PRO B 143 -25.09 3.42 10.07
N PRO B 144 -24.83 3.12 11.34
CA PRO B 144 -24.46 1.74 11.70
C PRO B 144 -25.66 0.81 11.47
N SER B 145 -25.38 -0.43 11.04
CA SER B 145 -26.44 -1.42 10.82
C SER B 145 -26.96 -1.91 12.17
N ASP B 146 -28.24 -2.33 12.22
CA ASP B 146 -28.81 -2.87 13.45
C ASP B 146 -28.03 -4.13 13.89
N GLU B 147 -27.51 -4.93 12.93
CA GLU B 147 -26.69 -6.10 13.21
C GLU B 147 -25.43 -5.71 14.01
N GLN B 148 -24.72 -4.64 13.60
CA GLN B 148 -23.52 -4.22 14.34
C GLN B 148 -23.88 -3.72 15.74
N LEU B 149 -24.96 -2.96 15.87
CA LEU B 149 -25.36 -2.41 17.17
C LEU B 149 -25.61 -3.53 18.19
N LYS B 150 -26.13 -4.68 17.75
CA LYS B 150 -26.35 -5.82 18.64
C LYS B 150 -25.06 -6.36 19.28
N SER B 151 -23.86 -5.93 18.79
CA SER B 151 -22.56 -6.40 19.29
C SER B 151 -21.83 -5.40 20.20
N GLY B 152 -22.39 -4.22 20.45
CA GLY B 152 -21.79 -3.23 21.36
C GLY B 152 -21.00 -2.08 20.76
N THR B 153 -20.84 -2.01 19.43
CA THR B 153 -20.11 -0.91 18.77
C THR B 153 -20.94 -0.36 17.61
N ALA B 154 -20.70 0.91 17.27
CA ALA B 154 -21.38 1.61 16.19
C ALA B 154 -20.34 2.23 15.27
N SER B 155 -20.35 1.88 13.98
CA SER B 155 -19.46 2.49 12.99
C SER B 155 -20.35 3.30 12.04
N VAL B 156 -20.04 4.58 11.88
CA VAL B 156 -20.75 5.48 10.95
C VAL B 156 -19.76 5.75 9.83
N VAL B 157 -20.19 5.58 8.57
CA VAL B 157 -19.27 5.71 7.45
C VAL B 157 -19.66 6.86 6.56
N CYS B 158 -18.66 7.60 6.10
CA CYS B 158 -18.87 8.71 5.17
C CYS B 158 -18.04 8.41 3.93
N LEU B 159 -18.68 8.47 2.76
CA LEU B 159 -18.06 8.22 1.47
C LEU B 159 -17.97 9.53 0.68
N LEU B 160 -16.77 9.84 0.17
CA LEU B 160 -16.54 11.01 -0.70
C LEU B 160 -16.17 10.36 -2.00
N ASN B 161 -17.07 10.40 -2.99
CA ASN B 161 -16.87 9.65 -4.21
C ASN B 161 -16.40 10.47 -5.42
N ASN B 162 -15.40 9.92 -6.14
CA ASN B 162 -14.92 10.40 -7.41
C ASN B 162 -14.66 11.89 -7.46
N PHE B 163 -13.62 12.29 -6.75
CA PHE B 163 -13.20 13.68 -6.71
C PHE B 163 -11.76 13.83 -7.19
N TYR B 164 -11.38 15.05 -7.50
CA TYR B 164 -10.02 15.37 -7.92
C TYR B 164 -9.79 16.86 -7.62
N PRO B 165 -8.63 17.29 -7.06
CA PRO B 165 -7.46 16.49 -6.67
C PRO B 165 -7.70 15.65 -5.41
N ARG B 166 -6.69 14.87 -5.04
CA ARG B 166 -6.75 13.94 -3.90
C ARG B 166 -6.99 14.60 -2.54
N GLU B 167 -6.53 15.85 -2.37
CA GLU B 167 -6.66 16.55 -1.10
C GLU B 167 -8.13 16.79 -0.78
N ALA B 168 -8.57 16.30 0.38
CA ALA B 168 -9.94 16.47 0.86
C ALA B 168 -9.94 16.43 2.37
N LYS B 169 -10.93 17.06 3.00
CA LYS B 169 -11.02 17.07 4.45
C LYS B 169 -12.38 16.63 4.87
N VAL B 170 -12.44 15.71 5.84
CA VAL B 170 -13.69 15.23 6.41
C VAL B 170 -13.69 15.60 7.87
N GLN B 171 -14.77 16.22 8.36
CA GLN B 171 -14.95 16.51 9.76
C GLN B 171 -16.26 15.89 10.21
N TRP B 172 -16.24 15.11 11.27
CA TRP B 172 -17.44 14.49 11.82
C TRP B 172 -18.03 15.40 12.87
N LYS B 173 -19.37 15.48 12.92
CA LYS B 173 -20.08 16.27 13.94
C LYS B 173 -21.21 15.43 14.48
N VAL B 174 -21.36 15.39 15.81
CA VAL B 174 -22.41 14.62 16.45
C VAL B 174 -23.17 15.60 17.29
N ASP B 175 -24.47 15.80 16.99
CA ASP B 175 -25.26 16.82 17.71
C ASP B 175 -24.56 18.18 17.69
N ASN B 176 -24.04 18.53 16.50
CA ASN B 176 -23.36 19.78 16.23
C ASN B 176 -21.99 19.92 16.89
N ALA B 177 -21.43 18.87 17.50
CA ALA B 177 -20.12 18.96 18.16
C ALA B 177 -19.04 18.29 17.31
N LEU B 178 -17.95 19.02 17.04
CA LEU B 178 -16.86 18.49 16.23
C LEU B 178 -16.20 17.32 16.94
N GLN B 179 -15.99 16.20 16.22
CA GLN B 179 -15.36 15.03 16.80
C GLN B 179 -13.85 15.05 16.58
N SER B 180 -13.09 14.40 17.46
CA SER B 180 -11.65 14.33 17.32
C SER B 180 -11.14 13.04 17.95
N GLY B 181 -10.21 12.37 17.26
CA GLY B 181 -9.58 11.15 17.77
C GLY B 181 -10.35 9.85 17.59
N ASN B 182 -11.56 9.90 17.04
CA ASN B 182 -12.40 8.70 16.91
C ASN B 182 -12.79 8.38 15.47
N SER B 183 -11.96 8.80 14.50
CA SER B 183 -12.22 8.47 13.11
C SER B 183 -10.94 8.04 12.43
N GLN B 184 -11.10 7.23 11.39
CA GLN B 184 -10.00 6.77 10.56
C GLN B 184 -10.47 6.83 9.12
N GLU B 185 -9.56 7.07 8.18
CA GLU B 185 -9.93 7.15 6.77
C GLU B 185 -8.89 6.53 5.87
N SER B 186 -9.30 6.23 4.64
CA SER B 186 -8.39 5.78 3.62
C SER B 186 -8.91 6.23 2.24
N VAL B 187 -7.99 6.25 1.27
CA VAL B 187 -8.23 6.75 -0.07
C VAL B 187 -7.86 5.70 -1.10
N THR B 188 -8.69 5.55 -2.16
CA THR B 188 -8.38 4.61 -3.22
C THR B 188 -7.22 5.13 -4.08
N GLU B 189 -6.68 4.23 -4.90
CA GLU B 189 -5.70 4.62 -5.92
C GLU B 189 -6.47 5.39 -6.98
N GLN B 190 -5.76 6.22 -7.77
CA GLN B 190 -6.43 6.98 -8.81
C GLN B 190 -7.10 6.03 -9.82
N ASP B 191 -8.36 6.32 -10.13
CA ASP B 191 -9.15 5.47 -11.01
C ASP B 191 -8.58 5.49 -12.43
N SER B 192 -8.44 4.31 -13.04
CA SER B 192 -7.85 4.19 -14.37
C SER B 192 -8.69 4.79 -15.50
N LYS B 193 -10.03 4.81 -15.34
CA LYS B 193 -10.94 5.31 -16.37
C LYS B 193 -11.20 6.83 -16.25
N ASP B 194 -11.50 7.33 -15.04
CA ASP B 194 -11.87 8.74 -14.88
C ASP B 194 -10.86 9.59 -14.09
N SER B 195 -9.72 9.00 -13.67
CA SER B 195 -8.66 9.73 -12.97
C SER B 195 -9.08 10.39 -11.64
N THR B 196 -10.14 9.94 -11.00
CA THR B 196 -10.58 10.48 -9.72
C THR B 196 -10.11 9.58 -8.56
N TYR B 197 -10.28 10.08 -7.33
CA TYR B 197 -10.04 9.38 -6.09
C TYR B 197 -11.38 9.28 -5.34
N SER B 198 -11.46 8.33 -4.42
CA SER B 198 -12.58 8.25 -3.49
C SER B 198 -11.98 8.08 -2.08
N LEU B 199 -12.71 8.49 -1.06
CA LEU B 199 -12.24 8.42 0.34
C LEU B 199 -13.38 7.90 1.22
N SER B 200 -13.03 7.03 2.18
CA SER B 200 -13.99 6.46 3.12
C SER B 200 -13.49 6.81 4.48
N SER B 201 -14.36 7.37 5.33
CA SER B 201 -14.03 7.71 6.71
C SER B 201 -15.01 6.99 7.63
N THR B 202 -14.53 6.42 8.72
CA THR B 202 -15.37 5.73 9.67
C THR B 202 -15.22 6.39 11.01
N LEU B 203 -16.34 6.77 11.62
CA LEU B 203 -16.40 7.29 12.98
C LEU B 203 -16.82 6.10 13.85
N THR B 204 -16.06 5.77 14.92
CA THR B 204 -16.40 4.63 15.76
C THR B 204 -16.81 5.10 17.14
N LEU B 205 -17.96 4.65 17.62
CA LEU B 205 -18.46 4.96 18.95
C LEU B 205 -18.93 3.67 19.61
N SER B 206 -19.03 3.65 20.95
CA SER B 206 -19.62 2.51 21.63
C SER B 206 -21.15 2.61 21.35
N LYS B 207 -21.88 1.48 21.46
CA LYS B 207 -23.34 1.47 21.25
C LYS B 207 -23.99 2.44 22.25
N ALA B 208 -23.55 2.41 23.52
CA ALA B 208 -24.07 3.31 24.55
C ALA B 208 -23.90 4.79 24.17
N ASP B 209 -22.72 5.20 23.66
CA ASP B 209 -22.50 6.58 23.23
C ASP B 209 -23.30 6.94 21.99
N TYR B 210 -23.39 6.01 21.02
CA TYR B 210 -24.20 6.23 19.82
C TYR B 210 -25.68 6.48 20.17
N GLU B 211 -26.20 5.71 21.12
CA GLU B 211 -27.59 5.83 21.56
C GLU B 211 -27.86 7.14 22.36
N LYS B 212 -26.82 7.87 22.80
CA LYS B 212 -26.97 9.14 23.54
C LYS B 212 -27.11 10.36 22.61
N HIS B 213 -26.91 10.18 21.29
CA HIS B 213 -26.94 11.29 20.36
C HIS B 213 -27.91 11.06 19.22
N LYS B 214 -28.33 12.15 18.57
CA LYS B 214 -29.35 12.09 17.51
C LYS B 214 -28.81 12.40 16.10
N VAL B 215 -28.18 13.57 15.91
CA VAL B 215 -27.74 13.98 14.57
C VAL B 215 -26.29 13.62 14.28
N TYR B 216 -26.05 12.79 13.26
CA TYR B 216 -24.71 12.37 12.87
C TYR B 216 -24.44 12.99 11.53
N ALA B 217 -23.32 13.72 11.40
CA ALA B 217 -23.03 14.44 10.19
C ALA B 217 -21.57 14.39 9.80
N CYS B 218 -21.35 14.43 8.49
N CYS B 218 -21.28 14.31 8.48
CA CYS B 218 -20.05 14.40 7.87
CA CYS B 218 -19.89 14.41 8.01
C CYS B 218 -19.94 15.71 7.08
C CYS B 218 -19.86 15.64 7.09
N GLU B 219 -18.94 16.54 7.37
CA GLU B 219 -18.77 17.82 6.67
C GLU B 219 -17.51 17.70 5.83
N VAL B 220 -17.66 17.95 4.53
CA VAL B 220 -16.59 17.76 3.57
C VAL B 220 -16.15 19.08 2.94
N THR B 221 -14.83 19.32 2.93
CA THR B 221 -14.23 20.48 2.28
C THR B 221 -13.29 19.94 1.20
N HIS B 222 -13.31 20.60 0.05
CA HIS B 222 -12.51 20.19 -1.11
C HIS B 222 -12.46 21.37 -2.08
N GLN B 223 -11.40 21.46 -2.89
CA GLN B 223 -11.22 22.53 -3.87
C GLN B 223 -12.43 22.72 -4.79
N GLY B 224 -13.14 21.64 -5.12
CA GLY B 224 -14.30 21.68 -5.98
C GLY B 224 -15.59 22.16 -5.33
N LEU B 225 -15.55 22.42 -4.01
CA LEU B 225 -16.69 22.90 -3.22
C LEU B 225 -16.40 24.32 -2.75
N SER B 226 -17.22 25.28 -3.19
CA SER B 226 -17.06 26.68 -2.76
C SER B 226 -17.41 26.83 -1.27
N SER B 227 -18.34 25.99 -0.76
CA SER B 227 -18.78 25.96 0.63
C SER B 227 -18.74 24.48 1.10
N PRO B 228 -18.43 24.18 2.39
CA PRO B 228 -18.43 22.76 2.82
C PRO B 228 -19.80 22.11 2.64
N VAL B 229 -19.81 20.83 2.24
CA VAL B 229 -21.05 20.08 2.07
C VAL B 229 -21.23 19.17 3.29
N THR B 230 -22.43 19.14 3.86
CA THR B 230 -22.72 18.25 4.98
C THR B 230 -23.78 17.25 4.60
N LYS B 231 -23.56 15.98 4.95
CA LYS B 231 -24.56 14.93 4.80
C LYS B 231 -24.77 14.40 6.20
N SER B 232 -26.01 14.17 6.56
CA SER B 232 -26.35 13.77 7.90
C SER B 232 -27.60 12.88 7.94
N PHE B 233 -27.79 12.24 9.08
CA PHE B 233 -28.99 11.47 9.38
C PHE B 233 -29.31 11.64 10.86
N ASN B 234 -30.55 11.36 11.22
CA ASN B 234 -31.00 11.38 12.59
C ASN B 234 -31.28 9.95 13.03
N ARG B 235 -30.79 9.58 14.21
CA ARG B 235 -31.14 8.38 14.99
C ARG B 235 -29.94 7.81 15.74
N GLY B 236 -30.27 7.09 16.80
CA GLY B 236 -29.33 6.53 17.77
C GLY B 236 -29.80 6.96 19.14
#